data_2ZM4
#
_entry.id   2ZM4
#
_cell.length_a   42.591
_cell.length_b   73.807
_cell.length_c   92.159
_cell.angle_alpha   90.00
_cell.angle_beta   90.00
_cell.angle_gamma   90.00
#
_symmetry.space_group_name_H-M   'P 21 21 21'
#
loop_
_entity.id
_entity.type
_entity.pdbx_description
1 polymer 'Proto-oncogene tyrosine-protein kinase LCK'
2 non-polymer 'SULFATE ION'
3 non-polymer 'DIMETHYL SULFOXIDE'
4 non-polymer N-(2-chloro-6-methylphenyl)-8-[(3S)-3-methylpiperazin-1-yl]imidazo[1,5-a]quinoxalin-4-amine
5 water water
#
_entity_poly.entity_id   1
_entity_poly.type   'polypeptide(L)'
_entity_poly.pdbx_seq_one_letter_code
;QTQKPQKPWWEDEWEVPRETLKLVERLGAGQFGEVWMGYYNGHTKVAVKSLKQGSMSPDAFLAEANLMKQLQHQRLVRLY
AVVTQEPIYIITEYMENGSLVDFLKTPSGIKLTINKLLDMAAQIAEGMAFIEERNYIHRDLRAANILVSDTLSCKIADFG
LARLIEDNE(PTR)TAREGAKFPIKWTAPEAINYGTFTIKSDVWSFGILLTEIVTHGRIPYPGMTNPEVIQNLERGYRMV
RPDNCPEELYQLMRLCWKERPEDRPTFDYLRSVLEDFFTATEGQYQPQP
;
_entity_poly.pdbx_strand_id   A
#
# COMPACT_ATOMS: atom_id res chain seq x y z
N LYS A 7 -20.85 16.30 0.20
CA LYS A 7 -21.21 17.43 1.12
C LYS A 7 -20.41 18.71 0.79
N PRO A 8 -21.01 19.91 0.93
CA PRO A 8 -20.26 21.00 0.24
C PRO A 8 -19.08 21.46 1.06
N TRP A 9 -18.08 22.08 0.43
CA TRP A 9 -16.90 22.46 1.19
C TRP A 9 -17.16 23.33 2.44
N TRP A 10 -18.18 24.20 2.43
CA TRP A 10 -18.49 25.10 3.63
C TRP A 10 -19.14 24.32 4.79
N GLU A 11 -19.11 23.01 4.66
CA GLU A 11 -19.88 22.17 5.56
C GLU A 11 -19.14 20.82 5.88
N ASP A 12 -18.06 20.58 5.17
CA ASP A 12 -17.36 19.32 5.27
C ASP A 12 -16.46 19.30 6.54
N GLU A 13 -16.77 18.44 7.53
CA GLU A 13 -15.82 18.27 8.69
C GLU A 13 -14.29 18.29 8.33
N TRP A 14 -13.90 17.66 7.22
CA TRP A 14 -12.50 17.63 6.76
C TRP A 14 -11.88 18.91 6.17
N GLU A 15 -12.66 19.83 5.65
CA GLU A 15 -12.09 20.98 4.92
C GLU A 15 -11.38 21.91 5.95
N VAL A 16 -10.14 22.30 5.75
CA VAL A 16 -9.49 23.24 6.69
C VAL A 16 -9.06 24.52 5.95
N PRO A 17 -9.11 25.71 6.61
CA PRO A 17 -8.69 26.92 5.86
C PRO A 17 -7.21 26.79 5.62
N ARG A 18 -6.65 27.29 4.52
CA ARG A 18 -5.22 27.03 4.22
C ARG A 18 -4.23 27.69 5.16
N GLU A 19 -4.65 28.70 5.93
CA GLU A 19 -3.71 29.27 6.93
C GLU A 19 -3.29 28.28 8.03
N THR A 20 -4.09 27.28 8.35
CA THR A 20 -3.71 26.35 9.41
C THR A 20 -2.42 25.53 9.10
N LEU A 21 -1.85 25.67 7.91
CA LEU A 21 -0.91 24.69 7.46
C LEU A 21 0.40 25.37 7.13
N LYS A 22 1.50 24.74 7.52
CA LYS A 22 2.80 25.29 7.23
C LYS A 22 3.68 24.16 6.71
N LEU A 23 4.13 24.30 5.46
CA LEU A 23 4.99 23.30 4.79
C LEU A 23 6.45 23.62 5.07
N VAL A 24 7.12 22.66 5.71
CA VAL A 24 8.48 22.77 6.21
C VAL A 24 9.56 22.10 5.30
N GLU A 25 9.30 20.91 4.74
CA GLU A 25 10.32 20.08 4.05
C GLU A 25 9.73 19.22 2.88
N ARG A 26 10.14 19.51 1.65
CA ARG A 26 9.66 18.72 0.53
C ARG A 26 10.21 17.35 0.74
N LEU A 27 9.33 16.33 0.75
CA LEU A 27 9.79 14.93 0.75
C LEU A 27 9.93 14.32 -0.64
N GLY A 28 9.11 14.79 -1.59
CA GLY A 28 8.96 14.26 -2.97
C GLY A 28 8.34 15.23 -3.96
N ALA A 29 8.72 15.12 -5.24
CA ALA A 29 8.13 15.86 -6.39
C ALA A 29 8.01 14.92 -7.57
N GLY A 30 6.98 15.12 -8.40
CA GLY A 30 6.73 14.31 -9.60
C GLY A 30 5.80 15.04 -10.56
N GLN A 31 5.55 14.40 -11.70
CA GLN A 31 4.66 14.93 -12.72
C GLN A 31 3.39 15.64 -12.21
N PHE A 32 2.82 15.11 -11.12
CA PHE A 32 1.48 15.52 -10.66
C PHE A 32 1.48 16.38 -9.38
N GLY A 33 2.65 16.60 -8.75
CA GLY A 33 2.79 17.49 -7.58
C GLY A 33 3.88 17.15 -6.56
N GLU A 34 3.80 17.76 -5.38
CA GLU A 34 4.82 17.57 -4.36
C GLU A 34 4.21 16.87 -3.11
N VAL A 35 5.08 16.27 -2.28
CA VAL A 35 4.69 15.77 -0.94
C VAL A 35 5.61 16.36 0.13
N TRP A 36 4.98 17.14 1.02
CA TRP A 36 5.64 17.90 2.05
C TRP A 36 5.40 17.38 3.48
N MET A 37 6.34 17.71 4.36
CA MET A 37 6.14 17.58 5.81
C MET A 37 5.96 18.97 6.36
N GLY A 38 4.90 19.16 7.13
CA GLY A 38 4.58 20.50 7.67
C GLY A 38 3.82 20.38 8.97
N TYR A 39 3.19 21.46 9.39
CA TYR A 39 2.56 21.49 10.70
C TYR A 39 1.21 22.06 10.52
N TYR A 40 0.27 21.41 11.18
CA TYR A 40 -1.09 21.90 11.31
C TYR A 40 -1.23 22.67 12.64
N ASN A 41 -1.71 23.90 12.54
CA ASN A 41 -1.83 24.81 13.71
C ASN A 41 -0.58 24.67 14.61
N GLY A 42 0.62 24.83 14.03
CA GLY A 42 1.92 24.93 14.74
C GLY A 42 2.51 23.65 15.32
N HIS A 43 1.63 22.81 15.84
CA HIS A 43 2.03 21.71 16.67
C HIS A 43 2.00 20.31 16.13
N THR A 44 1.05 19.96 15.26
CA THR A 44 0.87 18.55 14.81
C THR A 44 1.62 18.21 13.50
N LYS A 45 2.61 17.34 13.52
CA LYS A 45 3.17 16.93 12.26
C LYS A 45 2.06 16.36 11.34
N VAL A 46 2.00 16.85 10.10
CA VAL A 46 1.10 16.28 9.05
C VAL A 46 1.92 16.04 7.81
N ALA A 47 1.39 15.30 6.85
CA ALA A 47 2.03 15.25 5.55
C ALA A 47 1.07 15.89 4.56
N VAL A 48 1.63 16.71 3.67
CA VAL A 48 0.80 17.47 2.76
C VAL A 48 1.12 17.11 1.36
N LYS A 49 0.09 16.66 0.61
CA LYS A 49 0.16 16.39 -0.88
C LYS A 49 -0.51 17.53 -1.61
N SER A 50 0.27 18.19 -2.48
CA SER A 50 -0.28 19.30 -3.31
C SER A 50 -0.37 18.87 -4.74
N LEU A 51 -1.43 19.27 -5.42
CA LEU A 51 -1.58 18.82 -6.78
C LEU A 51 -1.07 19.96 -7.59
N LYS A 52 -0.16 19.62 -8.49
CA LYS A 52 0.22 20.48 -9.61
C LYS A 52 -0.97 20.81 -10.57
N GLN A 53 -1.46 22.06 -10.53
CA GLN A 53 -2.40 22.61 -11.55
C GLN A 53 -2.06 22.20 -12.99
N GLY A 54 -3.06 21.61 -13.66
CA GLY A 54 -2.99 21.32 -15.08
C GLY A 54 -2.61 19.88 -15.26
N SER A 55 -1.98 19.31 -14.24
CA SER A 55 -1.32 18.03 -14.39
C SER A 55 -2.27 16.78 -14.40
N MET A 56 -3.48 16.95 -13.88
CA MET A 56 -4.54 15.94 -13.89
C MET A 56 -5.72 16.55 -13.14
N SER A 57 -6.88 15.90 -13.28
CA SER A 57 -8.19 16.50 -12.88
C SER A 57 -8.35 16.65 -11.34
N PRO A 58 -8.73 17.87 -10.84
CA PRO A 58 -8.99 18.06 -9.42
C PRO A 58 -9.95 16.98 -8.91
N ASP A 59 -10.90 16.62 -9.75
CA ASP A 59 -11.88 15.66 -9.32
C ASP A 59 -11.19 14.35 -9.01
N ALA A 60 -10.19 13.99 -9.83
CA ALA A 60 -9.55 12.65 -9.77
C ALA A 60 -8.64 12.58 -8.59
N PHE A 61 -7.80 13.61 -8.46
CA PHE A 61 -7.03 13.90 -7.27
C PHE A 61 -7.90 13.83 -5.99
N LEU A 62 -9.06 14.48 -5.92
CA LEU A 62 -9.88 14.38 -4.69
C LEU A 62 -10.65 13.04 -4.46
N ALA A 63 -11.10 12.39 -5.53
CA ALA A 63 -11.66 11.04 -5.34
C ALA A 63 -10.80 10.19 -4.35
N GLU A 64 -9.49 10.46 -4.26
CA GLU A 64 -8.66 9.71 -3.29
C GLU A 64 -9.05 10.02 -1.82
N ALA A 65 -9.27 11.32 -1.54
CA ALA A 65 -9.59 11.80 -0.17
C ALA A 65 -10.97 11.24 0.25
N ASN A 66 -12.00 11.51 -0.56
CA ASN A 66 -13.32 10.88 -0.44
C ASN A 66 -13.32 9.38 -0.14
N LEU A 67 -12.48 8.62 -0.81
CA LEU A 67 -12.33 7.17 -0.46
C LEU A 67 -11.81 7.01 1.02
N MET A 68 -10.68 7.68 1.33
CA MET A 68 -10.21 7.76 2.71
C MET A 68 -11.26 8.36 3.69
N LYS A 69 -12.24 9.18 3.28
CA LYS A 69 -13.34 9.51 4.22
C LYS A 69 -14.13 8.25 4.70
N GLN A 70 -14.23 7.21 3.84
CA GLN A 70 -14.93 5.96 4.14
C GLN A 70 -14.11 4.85 4.80
N LEU A 71 -12.77 4.93 4.76
CA LEU A 71 -11.98 3.80 5.21
C LEU A 71 -11.08 4.25 6.34
N GLN A 72 -11.60 4.32 7.54
CA GLN A 72 -10.78 4.77 8.64
C GLN A 72 -10.43 3.56 9.45
N HIS A 73 -9.16 3.45 9.88
CA HIS A 73 -8.69 2.34 10.72
C HIS A 73 -7.28 2.63 11.21
N GLN A 74 -6.93 2.11 12.38
CA GLN A 74 -5.56 2.29 12.90
C GLN A 74 -4.43 1.73 11.98
N ARG A 75 -4.75 0.73 11.15
CA ARG A 75 -3.76 0.11 10.28
C ARG A 75 -3.73 0.75 8.90
N LEU A 76 -4.63 1.73 8.69
CA LEU A 76 -4.67 2.55 7.49
C LEU A 76 -4.32 4.04 7.81
N VAL A 77 -3.45 4.62 6.96
CA VAL A 77 -3.06 6.04 6.96
C VAL A 77 -4.34 6.88 6.92
N ARG A 78 -4.44 7.85 7.85
CA ARG A 78 -5.69 8.59 8.12
C ARG A 78 -5.76 9.92 7.41
N LEU A 79 -6.87 10.13 6.70
CA LEU A 79 -7.04 11.42 6.11
C LEU A 79 -7.21 12.33 7.29
N TYR A 80 -6.62 13.50 7.18
CA TYR A 80 -6.60 14.50 8.24
C TYR A 80 -7.36 15.77 7.81
N ALA A 81 -7.42 16.04 6.50
CA ALA A 81 -8.15 17.22 5.99
C ALA A 81 -7.85 17.54 4.54
N VAL A 82 -8.64 18.41 3.94
CA VAL A 82 -8.47 18.67 2.51
C VAL A 82 -8.54 20.14 2.35
N VAL A 83 -7.86 20.69 1.34
CA VAL A 83 -8.13 22.09 1.10
C VAL A 83 -8.60 22.21 -0.32
N THR A 84 -9.92 22.32 -0.52
CA THR A 84 -10.49 22.13 -1.86
C THR A 84 -10.47 23.34 -2.82
N GLN A 85 -9.52 24.24 -2.61
CA GLN A 85 -9.31 25.43 -3.45
C GLN A 85 -7.84 25.45 -3.93
N GLU A 86 -7.52 26.19 -4.97
CA GLU A 86 -6.29 25.92 -5.76
C GLU A 86 -5.01 26.57 -5.20
N PRO A 87 -3.95 25.77 -4.90
CA PRO A 87 -3.75 24.33 -5.07
C PRO A 87 -4.41 23.50 -4.00
N ILE A 88 -5.15 22.48 -4.47
CA ILE A 88 -5.81 21.46 -3.68
C ILE A 88 -4.77 20.78 -2.80
N TYR A 89 -5.15 20.50 -1.55
CA TYR A 89 -4.21 19.88 -0.62
C TYR A 89 -4.86 18.67 -0.06
N ILE A 90 -4.19 17.52 -0.02
CA ILE A 90 -4.62 16.37 0.82
C ILE A 90 -3.70 16.24 2.01
N ILE A 91 -4.27 16.39 3.18
CA ILE A 91 -3.47 16.42 4.38
C ILE A 91 -3.78 15.15 5.12
N THR A 92 -2.73 14.34 5.34
CA THR A 92 -2.90 13.13 6.10
C THR A 92 -1.96 13.02 7.28
N GLU A 93 -2.25 12.03 8.12
CA GLU A 93 -1.39 11.55 9.21
C GLU A 93 0.06 11.25 8.75
N TYR A 94 1.01 11.68 9.58
CA TYR A 94 2.44 11.68 9.29
C TYR A 94 3.15 10.44 9.79
N MET A 95 3.85 9.79 8.87
CA MET A 95 4.61 8.62 9.15
C MET A 95 6.11 8.93 9.17
N GLU A 96 6.71 8.67 10.32
CA GLU A 96 8.00 9.19 10.61
C GLU A 96 9.04 8.35 9.93
N ASN A 97 8.90 7.05 9.80
CA ASN A 97 10.05 6.36 9.23
C ASN A 97 9.85 6.14 7.80
N GLY A 98 8.83 6.80 7.28
CA GLY A 98 8.69 6.89 5.84
C GLY A 98 8.27 5.59 5.18
N SER A 99 8.67 5.39 3.96
CA SER A 99 8.19 4.26 3.23
C SER A 99 8.94 2.96 3.61
N LEU A 100 8.20 1.83 3.66
CA LEU A 100 8.79 0.54 4.11
C LEU A 100 9.99 0.18 3.24
N VAL A 101 9.78 0.17 1.91
CA VAL A 101 10.87 -0.10 0.97
C VAL A 101 12.14 0.69 1.38
N ASP A 102 12.00 1.98 1.68
CA ASP A 102 13.17 2.78 2.18
C ASP A 102 13.65 2.50 3.60
N PHE A 103 12.72 2.34 4.54
CA PHE A 103 13.11 2.07 5.94
C PHE A 103 14.00 0.81 6.16
N LEU A 104 13.65 -0.23 5.41
CA LEU A 104 14.29 -1.52 5.53
C LEU A 104 15.80 -1.43 5.20
N LYS A 105 16.18 -0.44 4.39
CA LYS A 105 17.52 -0.22 3.92
C LYS A 105 18.37 0.65 4.83
N THR A 106 17.76 1.32 5.79
CA THR A 106 18.51 2.26 6.62
C THR A 106 19.30 1.45 7.71
N PRO A 107 20.33 2.06 8.39
CA PRO A 107 21.01 1.31 9.48
C PRO A 107 20.07 0.70 10.51
N SER A 108 19.00 1.43 10.83
CA SER A 108 17.99 0.98 11.75
C SER A 108 17.29 -0.32 11.27
N GLY A 109 16.76 -0.31 10.04
CA GLY A 109 16.07 -1.45 9.39
C GLY A 109 16.95 -2.67 9.20
N ILE A 110 18.16 -2.46 8.66
CA ILE A 110 19.19 -3.51 8.56
C ILE A 110 19.25 -4.36 9.83
N LYS A 111 19.23 -3.79 11.01
CA LYS A 111 19.42 -4.62 12.20
C LYS A 111 18.20 -5.38 12.71
N LEU A 112 17.03 -5.24 12.08
CA LEU A 112 15.80 -5.90 12.56
C LEU A 112 15.83 -7.41 12.37
N THR A 113 15.49 -8.12 13.45
CA THR A 113 15.42 -9.60 13.47
C THR A 113 14.28 -10.06 12.63
N ILE A 114 14.37 -11.29 12.14
CA ILE A 114 13.21 -11.86 11.41
C ILE A 114 11.89 -11.76 12.22
N ASN A 115 11.97 -11.92 13.55
CA ASN A 115 10.85 -11.68 14.44
C ASN A 115 9.99 -10.42 14.13
N LYS A 116 10.65 -9.26 14.17
CA LYS A 116 10.06 -8.00 13.86
C LYS A 116 9.54 -7.87 12.43
N LEU A 117 10.20 -8.51 11.47
CA LEU A 117 9.73 -8.57 10.10
C LEU A 117 8.36 -9.30 10.01
N LEU A 118 8.22 -10.42 10.75
CA LEU A 118 6.94 -11.14 10.83
C LEU A 118 5.91 -10.23 11.47
N ASP A 119 6.25 -9.73 12.66
CA ASP A 119 5.47 -8.64 13.29
C ASP A 119 4.95 -7.68 12.24
N MET A 120 5.84 -6.93 11.63
CA MET A 120 5.47 -6.01 10.59
C MET A 120 4.56 -6.61 9.50
N ALA A 121 4.91 -7.77 8.92
CA ALA A 121 4.09 -8.46 7.90
C ALA A 121 2.70 -8.76 8.41
N ALA A 122 2.57 -9.05 9.70
CA ALA A 122 1.21 -9.22 10.28
C ALA A 122 0.38 -7.94 10.37
N GLN A 123 0.97 -6.77 10.56
CA GLN A 123 0.23 -5.53 10.78
C GLN A 123 -0.38 -5.12 9.45
N ILE A 124 0.41 -5.35 8.39
CA ILE A 124 0.01 -5.06 7.04
C ILE A 124 -1.16 -5.98 6.67
N ALA A 125 -1.15 -7.24 7.06
CA ALA A 125 -2.31 -8.09 6.77
C ALA A 125 -3.56 -7.66 7.54
N GLU A 126 -3.39 -7.16 8.76
CA GLU A 126 -4.53 -6.66 9.56
C GLU A 126 -5.20 -5.50 8.89
N GLY A 127 -4.39 -4.58 8.38
CA GLY A 127 -4.83 -3.49 7.49
C GLY A 127 -5.72 -3.96 6.35
N MET A 128 -5.16 -4.82 5.51
CA MET A 128 -5.92 -5.47 4.47
C MET A 128 -7.17 -6.23 4.94
N ALA A 129 -7.17 -6.90 6.09
CA ALA A 129 -8.37 -7.67 6.52
C ALA A 129 -9.62 -6.78 6.65
N PHE A 130 -9.39 -5.50 7.04
CA PHE A 130 -10.39 -4.42 7.17
C PHE A 130 -10.80 -3.86 5.83
N ILE A 131 -9.82 -3.63 4.94
CA ILE A 131 -10.16 -3.31 3.57
C ILE A 131 -11.04 -4.42 2.94
N GLU A 132 -10.65 -5.67 3.12
CA GLU A 132 -11.36 -6.82 2.55
C GLU A 132 -12.75 -6.82 3.11
N GLU A 133 -12.86 -6.71 4.43
CA GLU A 133 -14.15 -6.72 5.13
C GLU A 133 -15.15 -5.62 4.75
N ARG A 134 -14.71 -4.46 4.26
CA ARG A 134 -15.61 -3.33 3.95
C ARG A 134 -15.95 -3.31 2.47
N ASN A 135 -15.60 -4.38 1.77
CA ASN A 135 -15.84 -4.44 0.32
C ASN A 135 -15.03 -3.47 -0.57
N TYR A 136 -13.79 -3.24 -0.14
CA TYR A 136 -12.85 -2.48 -0.92
C TYR A 136 -11.72 -3.36 -1.43
N ILE A 137 -11.03 -2.86 -2.45
CA ILE A 137 -9.79 -3.45 -2.92
C ILE A 137 -8.80 -2.33 -2.98
N HIS A 138 -7.52 -2.71 -2.84
CA HIS A 138 -6.37 -1.79 -2.86
C HIS A 138 -5.71 -1.64 -4.26
N ARG A 139 -5.34 -2.75 -4.86
CA ARG A 139 -4.86 -2.70 -6.26
C ARG A 139 -3.47 -2.16 -6.49
N ASP A 140 -2.74 -1.77 -5.45
CA ASP A 140 -1.36 -1.15 -5.53
C ASP A 140 -0.58 -1.51 -4.23
N LEU A 141 -0.74 -2.75 -3.79
CA LEU A 141 -0.22 -3.18 -2.51
C LEU A 141 1.21 -3.64 -2.68
N ARG A 142 2.12 -2.93 -2.04
CA ARG A 142 3.56 -3.20 -2.25
C ARG A 142 4.37 -2.45 -1.18
N ALA A 143 5.53 -2.95 -0.77
CA ALA A 143 6.37 -2.21 0.18
C ALA A 143 6.39 -0.68 0.04
N ALA A 144 6.59 -0.12 -1.17
CA ALA A 144 6.63 1.35 -1.42
C ALA A 144 5.36 2.11 -0.94
N ASN A 145 4.24 1.38 -0.85
CA ASN A 145 2.97 1.87 -0.32
C ASN A 145 2.58 1.43 1.13
N ILE A 146 3.51 0.85 1.88
CA ILE A 146 3.35 0.71 3.33
C ILE A 146 4.19 1.80 4.04
N LEU A 147 3.62 2.63 4.94
CA LEU A 147 4.49 3.63 5.60
C LEU A 147 4.83 3.16 7.00
N VAL A 148 5.85 3.75 7.62
CA VAL A 148 6.29 3.22 8.91
C VAL A 148 6.41 4.36 9.90
N SER A 149 5.94 4.09 11.11
CA SER A 149 5.68 5.11 12.14
C SER A 149 6.89 5.17 13.00
N ASP A 150 7.04 6.25 13.78
CA ASP A 150 8.20 6.40 14.66
C ASP A 150 8.30 5.26 15.74
N THR A 151 7.26 4.43 15.92
CA THR A 151 7.33 3.27 16.85
C THR A 151 7.55 1.94 16.15
N LEU A 152 7.92 2.06 14.88
CA LEU A 152 8.18 0.90 14.05
C LEU A 152 6.91 0.06 13.88
N SER A 153 5.79 0.72 13.61
CA SER A 153 4.55 0.05 13.23
C SER A 153 4.21 0.45 11.80
N CYS A 154 3.33 -0.31 11.12
CA CYS A 154 3.13 -0.12 9.65
C CYS A 154 1.69 0.21 9.40
N LYS A 155 1.37 0.87 8.28
CA LYS A 155 -0.02 1.26 7.91
C LYS A 155 -0.21 1.24 6.39
N ILE A 156 -1.33 0.73 5.86
CA ILE A 156 -1.53 0.76 4.39
C ILE A 156 -1.64 2.23 3.96
N ALA A 157 -0.96 2.62 2.89
CA ALA A 157 -1.05 3.98 2.39
C ALA A 157 -1.44 3.97 0.92
N ASP A 158 -1.64 5.16 0.37
CA ASP A 158 -1.92 5.37 -1.06
C ASP A 158 -3.18 4.68 -1.55
N PHE A 159 -4.23 5.44 -1.68
CA PHE A 159 -5.44 4.87 -2.08
C PHE A 159 -5.91 5.41 -3.47
N GLY A 160 -4.94 5.75 -4.33
CA GLY A 160 -5.22 6.24 -5.63
C GLY A 160 -5.97 5.19 -6.45
N LEU A 161 -5.67 3.92 -6.27
CA LEU A 161 -6.35 2.98 -7.16
C LEU A 161 -7.46 2.18 -6.45
N ALA A 162 -7.58 2.37 -5.13
CA ALA A 162 -8.54 1.65 -4.27
C ALA A 162 -9.99 1.86 -4.75
N ARG A 163 -10.85 0.89 -4.49
CA ARG A 163 -12.22 0.94 -5.05
C ARG A 163 -13.19 0.16 -4.18
N LEU A 164 -14.45 0.61 -4.20
CA LEU A 164 -15.56 -0.08 -3.51
C LEU A 164 -16.09 -1.09 -4.55
N ILE A 165 -16.77 -2.13 -4.11
CA ILE A 165 -17.03 -3.28 -4.96
C ILE A 165 -18.29 -3.93 -4.32
N GLU A 166 -19.48 -3.53 -4.75
CA GLU A 166 -20.73 -4.27 -4.38
C GLU A 166 -20.75 -5.62 -5.15
N ASP A 167 -20.89 -5.53 -6.49
CA ASP A 167 -20.68 -6.64 -7.44
C ASP A 167 -19.22 -6.96 -7.40
N ASN A 168 -18.95 -8.24 -7.15
CA ASN A 168 -17.65 -8.70 -6.71
C ASN A 168 -16.33 -8.26 -7.37
N GLU A 169 -16.43 -7.79 -8.61
CA GLU A 169 -15.29 -7.45 -9.44
C GLU A 169 -15.23 -5.98 -9.80
N THR A 171 -13.44 -4.31 -13.02
CA THR A 171 -12.76 -4.43 -14.34
C THR A 171 -12.23 -3.02 -14.67
N ALA A 172 -10.92 -2.87 -14.88
CA ALA A 172 -10.31 -1.55 -15.11
C ALA A 172 -10.45 -1.18 -16.55
N ARG A 173 -10.09 0.10 -16.88
CA ARG A 173 -9.91 0.56 -18.30
C ARG A 173 -9.28 -0.57 -19.21
N GLU A 174 -9.22 -0.43 -20.53
CA GLU A 174 -8.56 -1.54 -21.24
C GLU A 174 -7.16 -1.28 -21.82
N GLY A 175 -6.80 0.00 -22.05
CA GLY A 175 -5.39 0.47 -22.27
C GLY A 175 -4.60 0.69 -20.95
N ALA A 176 -4.66 -0.32 -20.08
CA ALA A 176 -4.41 -0.08 -18.68
C ALA A 176 -3.34 -1.02 -18.18
N LYS A 177 -2.25 -0.42 -17.72
CA LYS A 177 -1.06 -1.17 -17.32
C LYS A 177 -0.75 -1.06 -15.81
N PHE A 178 -0.43 -2.21 -15.21
CA PHE A 178 0.02 -2.25 -13.79
C PHE A 178 1.40 -2.94 -13.58
N PRO A 179 2.18 -2.53 -12.56
CA PRO A 179 3.53 -3.11 -12.34
C PRO A 179 3.44 -4.60 -12.54
N ILE A 180 4.21 -5.20 -13.46
CA ILE A 180 3.95 -6.62 -13.73
C ILE A 180 4.29 -7.50 -12.53
N LYS A 181 5.28 -7.15 -11.72
CA LYS A 181 5.78 -8.18 -10.82
C LYS A 181 4.88 -8.29 -9.62
N TRP A 182 4.09 -7.24 -9.34
CA TRP A 182 3.33 -7.17 -8.09
C TRP A 182 1.90 -7.56 -8.26
N THR A 183 1.42 -7.47 -9.50
CA THR A 183 0.03 -7.63 -9.90
C THR A 183 -0.31 -9.07 -10.36
N ALA A 184 -1.38 -9.61 -9.79
CA ALA A 184 -1.86 -10.98 -10.11
C ALA A 184 -2.10 -11.28 -11.67
N PRO A 185 -1.83 -12.54 -12.16
CA PRO A 185 -2.21 -12.94 -13.53
C PRO A 185 -3.56 -12.38 -14.09
N GLU A 186 -4.68 -12.67 -13.43
CA GLU A 186 -5.97 -12.24 -13.92
C GLU A 186 -6.07 -10.71 -14.04
N ALA A 187 -5.41 -9.95 -13.20
CA ALA A 187 -5.59 -8.52 -13.35
C ALA A 187 -4.79 -8.03 -14.52
N ILE A 188 -3.56 -8.49 -14.64
CA ILE A 188 -2.79 -8.17 -15.85
C ILE A 188 -3.44 -8.69 -17.12
N ASN A 189 -4.02 -9.86 -17.10
CA ASN A 189 -4.55 -10.42 -18.37
C ASN A 189 -5.98 -10.02 -18.84
N TYR A 190 -6.85 -9.62 -17.89
CA TYR A 190 -8.26 -9.35 -18.15
C TYR A 190 -8.66 -8.03 -17.57
N GLY A 191 -7.79 -7.42 -16.78
CA GLY A 191 -8.11 -6.21 -16.02
C GLY A 191 -9.13 -6.41 -14.89
N THR A 192 -9.50 -7.66 -14.60
CA THR A 192 -10.44 -7.97 -13.54
C THR A 192 -9.65 -8.03 -12.17
N PHE A 193 -9.99 -7.18 -11.18
CA PHE A 193 -9.33 -7.15 -9.84
C PHE A 193 -10.34 -7.63 -8.78
N THR A 194 -9.85 -8.36 -7.77
CA THR A 194 -10.67 -8.69 -6.61
C THR A 194 -9.77 -8.63 -5.37
N ILE A 195 -10.34 -8.72 -4.18
CA ILE A 195 -9.52 -8.74 -2.96
C ILE A 195 -8.43 -9.84 -3.08
N LYS A 196 -8.69 -10.84 -3.94
CA LYS A 196 -7.83 -11.99 -4.16
C LYS A 196 -6.66 -11.61 -5.04
N SER A 197 -6.77 -10.54 -5.84
CA SER A 197 -5.61 -10.06 -6.56
C SER A 197 -4.70 -9.26 -5.63
N ASP A 198 -5.26 -8.62 -4.60
CA ASP A 198 -4.46 -7.93 -3.63
C ASP A 198 -3.67 -8.97 -2.80
N VAL A 199 -4.29 -10.13 -2.59
CA VAL A 199 -3.71 -11.18 -1.78
C VAL A 199 -2.45 -11.65 -2.51
N TRP A 200 -2.50 -11.47 -3.83
CA TRP A 200 -1.38 -11.91 -4.64
C TRP A 200 -0.22 -10.96 -4.36
N SER A 201 -0.52 -9.66 -4.38
CA SER A 201 0.54 -8.66 -4.22
C SER A 201 1.12 -8.77 -2.84
N PHE A 202 0.28 -9.09 -1.87
CA PHE A 202 0.73 -9.32 -0.52
C PHE A 202 1.82 -10.41 -0.57
N GLY A 203 1.60 -11.42 -1.39
CA GLY A 203 2.62 -12.41 -1.58
C GLY A 203 3.94 -11.82 -2.04
N ILE A 204 3.94 -11.00 -3.10
CA ILE A 204 5.13 -10.30 -3.53
C ILE A 204 5.71 -9.44 -2.42
N LEU A 205 4.83 -8.71 -1.72
CA LEU A 205 5.28 -7.79 -0.70
C LEU A 205 6.08 -8.52 0.36
N LEU A 206 5.60 -9.67 0.82
CA LEU A 206 6.39 -10.48 1.74
C LEU A 206 7.77 -10.77 1.20
N THR A 207 8.01 -10.79 -0.11
CA THR A 207 9.41 -11.02 -0.56
C THR A 207 10.23 -9.75 -0.33
N GLU A 208 9.63 -8.57 -0.55
CA GLU A 208 10.31 -7.30 -0.19
C GLU A 208 10.65 -7.19 1.29
N ILE A 209 9.74 -7.62 2.18
CA ILE A 209 9.92 -7.44 3.63
C ILE A 209 11.17 -8.24 4.04
N VAL A 210 11.21 -9.50 3.58
CA VAL A 210 12.24 -10.49 3.95
C VAL A 210 13.62 -10.28 3.33
N THR A 211 13.70 -9.61 2.17
CA THR A 211 15.00 -9.43 1.51
C THR A 211 15.42 -8.00 1.66
N HIS A 212 14.80 -7.30 2.61
CA HIS A 212 15.11 -5.89 2.96
C HIS A 212 14.95 -4.96 1.84
N GLY A 213 13.87 -5.14 1.10
CA GLY A 213 13.53 -4.21 0.04
C GLY A 213 14.03 -4.48 -1.36
N ARG A 214 14.99 -5.38 -1.59
CA ARG A 214 15.35 -5.90 -2.95
C ARG A 214 14.10 -6.22 -3.90
N ILE A 215 14.24 -5.94 -5.19
CA ILE A 215 13.19 -6.07 -6.27
C ILE A 215 12.75 -7.52 -6.50
N PRO A 216 11.44 -7.78 -6.66
CA PRO A 216 11.11 -9.22 -6.85
C PRO A 216 11.69 -9.89 -8.12
N TYR A 217 11.68 -11.22 -8.11
CA TYR A 217 12.20 -12.02 -9.24
C TYR A 217 13.63 -11.57 -9.63
N PRO A 218 14.63 -11.66 -8.67
CA PRO A 218 16.01 -11.22 -9.01
C PRO A 218 16.48 -11.64 -10.45
N GLY A 219 16.98 -10.65 -11.23
CA GLY A 219 17.53 -10.87 -12.60
C GLY A 219 16.61 -11.44 -13.69
N MET A 220 15.29 -11.22 -13.58
CA MET A 220 14.37 -11.57 -14.64
C MET A 220 13.70 -10.31 -15.10
N THR A 221 13.63 -10.16 -16.43
CA THR A 221 12.75 -9.16 -17.11
C THR A 221 11.25 -9.43 -16.82
N ASN A 222 10.31 -8.60 -17.29
CA ASN A 222 8.88 -8.98 -17.10
C ASN A 222 8.34 -10.13 -18.01
N PRO A 223 8.69 -10.16 -19.33
CA PRO A 223 8.37 -11.36 -20.12
C PRO A 223 8.98 -12.70 -19.57
N GLU A 224 10.13 -12.67 -18.90
CA GLU A 224 10.57 -13.89 -18.23
C GLU A 224 9.63 -14.27 -17.10
N VAL A 225 9.32 -13.29 -16.20
CA VAL A 225 8.30 -13.44 -15.10
C VAL A 225 6.89 -13.95 -15.55
N ILE A 226 6.24 -13.32 -16.53
CA ILE A 226 4.98 -13.89 -17.08
C ILE A 226 5.20 -15.34 -17.63
N GLN A 227 6.21 -15.50 -18.48
CA GLN A 227 6.49 -16.78 -19.07
C GLN A 227 6.72 -17.84 -17.99
N ASN A 228 7.46 -17.53 -16.93
CA ASN A 228 7.69 -18.49 -15.87
C ASN A 228 6.42 -18.87 -15.10
N LEU A 229 5.66 -17.86 -14.67
CA LEU A 229 4.35 -18.12 -14.02
C LEU A 229 3.45 -19.03 -14.87
N GLU A 230 3.47 -18.87 -16.19
CA GLU A 230 2.57 -19.69 -17.03
C GLU A 230 2.99 -21.16 -17.02
N ARG A 231 4.30 -21.39 -16.89
CA ARG A 231 4.82 -22.73 -16.79
C ARG A 231 4.30 -23.37 -15.54
N GLY A 232 3.79 -22.59 -14.62
CA GLY A 232 3.57 -23.12 -13.30
C GLY A 232 4.69 -22.84 -12.30
N TYR A 233 5.70 -22.03 -12.66
CA TYR A 233 6.73 -21.64 -11.65
C TYR A 233 6.28 -20.44 -10.85
N ARG A 234 6.93 -20.34 -9.69
CA ARG A 234 6.82 -19.17 -8.76
C ARG A 234 8.20 -18.67 -8.44
N MET A 235 8.24 -17.59 -7.69
CA MET A 235 9.48 -16.89 -7.45
C MET A 235 10.36 -17.81 -6.67
N VAL A 236 11.63 -17.85 -7.09
CA VAL A 236 12.71 -18.58 -6.41
C VAL A 236 12.80 -18.11 -4.92
N ARG A 237 12.99 -19.07 -4.00
CA ARG A 237 13.12 -18.77 -2.57
C ARG A 237 14.12 -17.62 -2.32
N PRO A 238 13.62 -16.47 -1.83
CA PRO A 238 14.53 -15.42 -1.34
C PRO A 238 15.68 -15.96 -0.44
N ASP A 239 16.84 -15.30 -0.51
CA ASP A 239 17.98 -15.50 0.41
C ASP A 239 17.46 -15.29 1.82
N ASN A 240 17.82 -16.22 2.72
CA ASN A 240 17.38 -16.22 4.15
C ASN A 240 15.87 -16.09 4.40
N CYS A 241 15.08 -16.89 3.70
CA CYS A 241 13.64 -16.78 3.82
C CYS A 241 13.07 -18.00 4.57
N PRO A 242 12.57 -17.85 5.83
CA PRO A 242 12.11 -19.07 6.49
C PRO A 242 11.22 -19.81 5.54
N GLU A 243 11.35 -21.13 5.53
CA GLU A 243 10.44 -21.96 4.73
C GLU A 243 8.93 -21.75 5.02
N GLU A 244 8.56 -21.44 6.26
CA GLU A 244 7.13 -21.20 6.56
C GLU A 244 6.65 -20.00 5.75
N LEU A 245 7.47 -18.94 5.79
CA LEU A 245 7.17 -17.70 5.09
C LEU A 245 6.97 -18.02 3.64
N TYR A 246 7.91 -18.76 3.07
CA TYR A 246 7.83 -19.05 1.64
C TYR A 246 6.56 -19.83 1.25
N GLN A 247 6.17 -20.80 2.06
CA GLN A 247 4.96 -21.58 1.79
C GLN A 247 3.73 -20.73 1.94
N LEU A 248 3.81 -19.76 2.86
CA LEU A 248 2.74 -18.79 3.02
C LEU A 248 2.61 -17.91 1.76
N MET A 249 3.72 -17.51 1.14
CA MET A 249 3.67 -16.73 -0.09
C MET A 249 3.08 -17.61 -1.19
N ARG A 250 3.42 -18.90 -1.15
CA ARG A 250 2.85 -19.82 -2.16
C ARG A 250 1.29 -19.83 -2.19
N LEU A 251 0.63 -19.96 -1.02
CA LEU A 251 -0.83 -19.76 -0.97
C LEU A 251 -1.26 -18.43 -1.62
N CYS A 252 -0.61 -17.31 -1.31
CA CYS A 252 -0.92 -16.08 -2.02
C CYS A 252 -0.78 -16.19 -3.58
N TRP A 253 0.12 -17.09 -4.05
CA TRP A 253 0.42 -17.24 -5.48
C TRP A 253 -0.34 -18.38 -6.18
N LYS A 254 -1.29 -19.02 -5.48
CA LYS A 254 -2.19 -20.02 -6.07
C LYS A 254 -2.83 -19.50 -7.35
N GLU A 255 -3.23 -20.45 -8.21
CA GLU A 255 -3.56 -20.19 -9.61
C GLU A 255 -4.92 -19.63 -9.81
N ARG A 256 -5.88 -20.11 -9.05
CA ARG A 256 -7.22 -19.56 -9.05
C ARG A 256 -7.42 -18.57 -7.91
N PRO A 257 -7.91 -17.36 -8.22
CA PRO A 257 -8.40 -16.42 -7.18
C PRO A 257 -9.11 -17.09 -6.01
N GLU A 258 -10.12 -17.92 -6.25
CA GLU A 258 -10.89 -18.50 -5.13
C GLU A 258 -10.11 -19.35 -4.13
N ASP A 259 -9.02 -19.97 -4.60
CA ASP A 259 -8.13 -20.80 -3.77
C ASP A 259 -7.18 -20.05 -2.90
N ARG A 260 -7.00 -18.77 -3.20
CA ARG A 260 -6.05 -17.96 -2.50
C ARG A 260 -6.68 -17.59 -1.16
N PRO A 261 -5.85 -17.49 -0.09
CA PRO A 261 -6.43 -17.39 1.26
C PRO A 261 -7.04 -16.00 1.51
N THR A 262 -7.86 -15.87 2.54
CA THR A 262 -8.40 -14.56 3.00
C THR A 262 -7.34 -13.65 3.67
N PHE A 263 -7.68 -12.37 3.84
CA PHE A 263 -6.72 -11.53 4.58
C PHE A 263 -6.77 -11.80 6.08
N ASP A 264 -7.94 -12.12 6.60
CA ASP A 264 -7.99 -12.51 8.01
C ASP A 264 -7.17 -13.77 8.36
N TYR A 265 -7.09 -14.68 7.40
CA TYR A 265 -6.33 -15.90 7.61
C TYR A 265 -4.82 -15.62 7.60
N LEU A 266 -4.34 -14.90 6.59
CA LEU A 266 -2.97 -14.37 6.55
C LEU A 266 -2.57 -13.64 7.83
N ARG A 267 -3.46 -12.79 8.34
CA ARG A 267 -3.13 -11.99 9.49
C ARG A 267 -2.79 -12.94 10.60
N SER A 268 -3.69 -13.89 10.86
CA SER A 268 -3.54 -14.76 11.99
C SER A 268 -2.34 -15.67 11.79
N VAL A 269 -2.21 -16.27 10.60
CA VAL A 269 -0.98 -17.02 10.32
C VAL A 269 0.27 -16.19 10.68
N LEU A 270 0.41 -15.02 10.07
CA LEU A 270 1.55 -14.18 10.42
C LEU A 270 1.70 -13.90 11.97
N GLU A 271 0.56 -13.76 12.68
CA GLU A 271 0.63 -13.62 14.14
C GLU A 271 1.21 -14.82 14.91
N ASP A 272 0.81 -16.03 14.53
CA ASP A 272 1.50 -17.28 15.01
C ASP A 272 3.01 -17.35 14.64
N PHE A 273 3.38 -16.90 13.43
CA PHE A 273 4.77 -17.01 13.03
C PHE A 273 5.60 -16.15 13.96
N PHE A 274 5.02 -15.01 14.35
CA PHE A 274 5.68 -13.98 15.15
C PHE A 274 5.97 -14.34 16.69
N THR A 275 4.95 -14.81 17.43
CA THR A 275 5.18 -15.28 18.83
C THR A 275 5.98 -16.57 18.84
N ALA A 276 5.80 -17.41 17.83
CA ALA A 276 6.68 -18.56 17.76
C ALA A 276 8.15 -18.07 17.82
N THR A 277 8.49 -16.97 17.12
CA THR A 277 9.86 -16.38 17.25
C THR A 277 10.07 -15.53 18.56
#